data_5LE0
#
_entry.id   5LE0
#
_cell.length_a   52.780
_cell.length_b   52.780
_cell.length_c   157.000
_cell.angle_alpha   90.00
_cell.angle_beta   90.00
_cell.angle_gamma   90.00
#
_symmetry.space_group_name_H-M   'P 43 2 2'
#
_entity_poly.entity_id   1
_entity_poly.type   'polypeptide(L)'
_entity_poly.pdbx_seq_one_letter_code
;KEEE(MSE)KRFCKAQTIQRRLNEIEAALRELEAEGVKLELALRRQSSSPEQQKKLWVGQLLQLVDKKNSLVAEEAEL
(MSE)ITVQELNLEEKQWQLDQELRGY(MSE)NREENLKTAADRQAEDQVLRKLVDLVNQRDALIRFQEERRLSELALGT
GAQG
;
_entity_poly.pdbx_strand_id   B
#
# COMPACT_ATOMS: atom_id res chain seq x y z
N PHE A 8 3.43 3.55 -19.81
CA PHE A 8 2.57 2.38 -19.71
C PHE A 8 3.26 1.23 -18.99
N CYS A 9 2.63 0.73 -17.94
CA CYS A 9 3.22 -0.33 -17.13
C CYS A 9 2.09 -1.06 -16.40
N LYS A 10 1.83 -2.30 -16.82
CA LYS A 10 0.86 -3.18 -16.16
C LYS A 10 1.54 -3.81 -14.94
N ALA A 11 1.59 -3.03 -13.86
CA ALA A 11 2.07 -3.52 -12.58
C ALA A 11 0.97 -4.18 -11.76
N GLN A 12 -0.03 -4.79 -12.41
CA GLN A 12 -1.05 -5.55 -11.70
C GLN A 12 -0.54 -6.90 -11.21
N THR A 13 0.71 -7.25 -11.49
CA THR A 13 1.30 -8.45 -10.90
C THR A 13 1.29 -8.36 -9.38
N ILE A 14 1.24 -7.14 -8.85
CA ILE A 14 1.10 -6.97 -7.40
C ILE A 14 -0.28 -7.44 -6.96
N GLN A 15 -1.29 -7.22 -7.81
CA GLN A 15 -2.65 -7.55 -7.41
C GLN A 15 -2.81 -9.06 -7.23
N ARG A 16 -2.28 -9.85 -8.15
CA ARG A 16 -2.34 -11.30 -7.98
C ARG A 16 -1.81 -11.68 -6.60
N ARG A 17 -0.57 -11.30 -6.32
CA ARG A 17 0.04 -11.64 -5.03
C ARG A 17 -0.82 -11.14 -3.88
N LEU A 18 -1.54 -10.05 -4.07
CA LEU A 18 -2.40 -9.53 -3.01
C LEU A 18 -3.52 -10.50 -2.69
N ASN A 19 -4.17 -11.03 -3.72
CA ASN A 19 -5.26 -11.98 -3.50
C ASN A 19 -4.71 -13.31 -2.99
N GLU A 20 -3.52 -13.70 -3.45
CA GLU A 20 -2.85 -14.87 -2.90
C GLU A 20 -2.79 -14.77 -1.39
N ILE A 21 -2.29 -13.65 -0.88
CA ILE A 21 -2.06 -13.51 0.55
C ILE A 21 -3.37 -13.49 1.31
N GLU A 22 -4.37 -12.78 0.78
CA GLU A 22 -5.64 -12.68 1.48
C GLU A 22 -6.26 -14.05 1.69
N ALA A 23 -6.37 -14.82 0.60
CA ALA A 23 -6.87 -16.18 0.72
C ALA A 23 -6.05 -16.96 1.74
N ALA A 24 -4.72 -16.93 1.60
CA ALA A 24 -3.87 -17.66 2.53
C ALA A 24 -4.14 -17.25 3.97
N LEU A 25 -4.29 -15.94 4.22
CA LEU A 25 -4.61 -15.48 5.56
C LEU A 25 -5.98 -15.99 6.00
N ARG A 26 -7.00 -15.72 5.19
CA ARG A 26 -8.36 -16.17 5.51
C ARG A 26 -8.39 -17.66 5.81
N GLU A 27 -7.59 -18.43 5.06
CA GLU A 27 -7.37 -19.84 5.35
C GLU A 27 -6.71 -19.96 6.72
N LEU A 28 -5.47 -19.46 6.84
CA LEU A 28 -4.75 -19.56 8.10
C LEU A 28 -5.65 -19.14 9.26
N GLU A 29 -6.42 -18.07 9.10
CA GLU A 29 -7.43 -17.71 10.09
C GLU A 29 -8.28 -18.93 10.42
N ALA A 30 -8.86 -19.56 9.40
CA ALA A 30 -9.62 -20.78 9.64
C ALA A 30 -8.73 -21.90 10.15
N GLU A 31 -7.60 -22.16 9.47
CA GLU A 31 -6.74 -23.26 9.88
C GLU A 31 -6.34 -23.12 11.35
N GLY A 32 -6.03 -21.90 11.77
CA GLY A 32 -5.71 -21.66 13.17
C GLY A 32 -6.86 -22.00 14.12
N VAL A 33 -8.10 -21.77 13.69
CA VAL A 33 -9.25 -22.07 14.55
C VAL A 33 -9.33 -23.58 14.81
N LYS A 34 -9.40 -24.37 13.73
CA LYS A 34 -9.38 -25.82 13.87
C LYS A 34 -8.16 -26.28 14.65
N LEU A 35 -7.08 -25.50 14.65
CA LEU A 35 -5.90 -25.85 15.42
C LEU A 35 -6.13 -25.64 16.92
N GLU A 36 -6.92 -24.62 17.27
CA GLU A 36 -7.22 -24.36 18.67
C GLU A 36 -8.14 -25.42 19.28
N LEU A 37 -8.95 -26.07 18.44
CA LEU A 37 -9.78 -27.19 18.90
C LEU A 37 -8.93 -28.40 19.29
N GLU A 47 -0.28 -36.59 25.91
CA GLU A 47 0.07 -35.17 25.86
C GLU A 47 1.39 -34.92 25.11
N GLN A 48 1.76 -35.85 24.23
CA GLN A 48 2.87 -35.68 23.29
C GLN A 48 2.45 -35.03 21.97
N GLN A 49 1.30 -35.43 21.42
CA GLN A 49 0.64 -34.66 20.35
C GLN A 49 0.32 -33.23 20.80
N LYS A 50 0.27 -32.99 22.11
CA LYS A 50 0.13 -31.63 22.65
C LYS A 50 1.29 -30.75 22.23
N LYS A 51 2.51 -31.15 22.60
CA LYS A 51 3.73 -30.44 22.21
C LYS A 51 3.80 -30.16 20.71
N LEU A 52 3.13 -30.97 19.89
CA LEU A 52 3.08 -30.71 18.45
C LEU A 52 2.06 -29.64 18.10
N TRP A 53 0.79 -29.82 18.48
CA TRP A 53 -0.21 -28.77 18.29
C TRP A 53 0.21 -27.47 18.94
N VAL A 54 1.16 -27.53 19.88
CA VAL A 54 1.78 -26.34 20.48
C VAL A 54 2.62 -25.62 19.44
N GLY A 55 3.69 -26.27 18.98
CA GLY A 55 4.59 -25.64 18.03
C GLY A 55 3.88 -25.16 16.78
N GLN A 56 3.02 -26.01 16.22
CA GLN A 56 2.34 -25.68 14.96
C GLN A 56 1.67 -24.32 15.04
N LEU A 57 1.01 -24.00 16.16
CA LEU A 57 0.26 -22.77 16.26
C LEU A 57 1.18 -21.55 16.13
N LEU A 58 2.26 -21.53 16.90
CA LEU A 58 3.22 -20.42 16.76
C LEU A 58 3.77 -20.36 15.34
N GLN A 59 3.79 -21.51 14.65
CA GLN A 59 4.24 -21.52 13.26
C GLN A 59 3.20 -20.90 12.33
N LEU A 60 1.91 -20.92 12.71
CA LEU A 60 0.91 -20.23 11.91
C LEU A 60 1.09 -18.72 12.01
N VAL A 61 1.38 -18.22 13.21
CA VAL A 61 1.41 -16.78 13.42
C VAL A 61 2.59 -16.15 12.68
N ASP A 62 3.77 -16.78 12.74
CA ASP A 62 4.92 -16.23 12.04
C ASP A 62 4.67 -16.13 10.54
N LYS A 63 3.84 -17.03 9.98
CA LYS A 63 3.44 -16.91 8.58
C LYS A 63 2.52 -15.72 8.36
N LYS A 64 1.54 -15.54 9.24
CA LYS A 64 0.67 -14.38 9.18
C LYS A 64 1.49 -13.09 9.21
N ASN A 65 2.34 -12.95 10.23
CA ASN A 65 3.16 -11.77 10.33
C ASN A 65 3.90 -11.51 9.03
N SER A 66 4.57 -12.54 8.51
CA SER A 66 5.21 -12.40 7.20
C SER A 66 4.22 -11.87 6.19
N LEU A 67 3.12 -12.59 6.01
CA LEU A 67 2.12 -12.21 5.01
C LEU A 67 1.62 -10.79 5.22
N VAL A 68 1.31 -10.42 6.46
CA VAL A 68 0.85 -9.07 6.74
C VAL A 68 1.96 -8.07 6.44
N ALA A 69 3.19 -8.37 6.88
CA ALA A 69 4.32 -7.52 6.54
C ALA A 69 4.38 -7.27 5.04
N GLU A 70 4.49 -8.35 4.26
CA GLU A 70 4.47 -8.21 2.81
C GLU A 70 3.25 -7.43 2.35
N GLU A 71 2.07 -7.77 2.87
CA GLU A 71 0.83 -7.13 2.44
C GLU A 71 0.91 -5.63 2.61
N ALA A 72 1.38 -5.16 3.77
CA ALA A 72 1.50 -3.73 4.00
C ALA A 72 2.41 -3.09 2.96
N GLU A 73 3.59 -3.66 2.75
CA GLU A 73 4.53 -3.12 1.77
C GLU A 73 3.86 -2.96 0.41
N LEU A 74 3.11 -3.97 -0.02
CA LEU A 74 2.44 -3.90 -1.30
C LEU A 74 1.43 -2.77 -1.33
N ILE A 76 1.29 -0.09 0.46
CA ILE A 76 2.02 1.16 0.34
C ILE A 76 2.40 1.40 -1.12
N THR A 77 2.93 0.36 -1.77
CA THR A 77 3.28 0.45 -3.19
C THR A 77 2.05 0.61 -4.08
N VAL A 78 0.86 0.27 -3.57
CA VAL A 78 -0.35 0.51 -4.33
C VAL A 78 -0.78 1.96 -4.19
N GLN A 79 -0.80 2.48 -2.96
CA GLN A 79 -1.12 3.88 -2.75
C GLN A 79 -0.16 4.78 -3.51
N GLU A 80 1.12 4.41 -3.52
CA GLU A 80 2.10 5.17 -4.28
C GLU A 80 1.70 5.26 -5.76
N LEU A 81 1.47 4.13 -6.39
CA LEU A 81 1.03 4.15 -7.79
C LEU A 81 -0.28 4.91 -7.92
N ASN A 82 -1.17 4.78 -6.93
CA ASN A 82 -2.44 5.50 -6.97
C ASN A 82 -2.21 6.99 -7.16
N LEU A 83 -1.48 7.61 -6.22
CA LEU A 83 -1.21 9.04 -6.33
C LEU A 83 -0.38 9.37 -7.56
N GLU A 84 0.50 8.46 -8.00
CA GLU A 84 1.26 8.71 -9.21
C GLU A 84 0.36 8.80 -10.45
N GLU A 85 -0.73 8.03 -10.49
CA GLU A 85 -1.66 8.16 -11.61
C GLU A 85 -2.41 9.49 -11.56
N LYS A 86 -3.06 9.79 -10.42
CA LYS A 86 -3.75 11.06 -10.24
C LYS A 86 -2.80 12.24 -10.04
N GLN A 87 -1.54 12.09 -10.44
CA GLN A 87 -0.58 13.17 -10.55
C GLN A 87 -0.34 13.58 -12.01
N TRP A 88 -0.10 12.61 -12.90
CA TRP A 88 0.00 12.92 -14.32
C TRP A 88 -1.32 13.48 -14.86
N GLN A 89 -2.44 12.89 -14.44
CA GLN A 89 -3.76 13.34 -14.91
C GLN A 89 -4.02 14.82 -14.63
N LEU A 90 -3.30 15.43 -13.68
CA LEU A 90 -3.42 16.86 -13.42
C LEU A 90 -2.19 17.65 -13.81
N ASP A 91 -1.03 17.00 -13.97
CA ASP A 91 0.11 17.67 -14.59
C ASP A 91 -0.29 18.24 -15.95
N GLN A 92 -0.97 17.42 -16.77
CA GLN A 92 -1.50 17.92 -18.02
C GLN A 92 -2.42 19.12 -17.80
N GLU A 93 -3.29 19.03 -16.79
CA GLU A 93 -4.22 20.12 -16.52
C GLU A 93 -3.47 21.42 -16.22
N LEU A 94 -2.43 21.36 -15.39
CA LEU A 94 -1.61 22.55 -15.14
C LEU A 94 -1.00 23.06 -16.44
N ARG A 95 -0.42 22.15 -17.24
CA ARG A 95 0.20 22.55 -18.49
C ARG A 95 -0.77 23.27 -19.42
N GLY A 96 -2.07 23.01 -19.27
CA GLY A 96 -3.06 23.71 -20.07
C GLY A 96 -3.05 25.21 -19.87
N TYR A 97 -2.96 25.65 -18.60
CA TYR A 97 -3.05 27.07 -18.31
C TYR A 97 -1.78 27.80 -18.71
N ASN A 99 0.76 26.73 -20.45
CA ASN A 99 1.27 26.39 -21.78
C ASN A 99 0.16 26.50 -22.82
N ASN A 103 -2.03 33.00 -21.46
CA ASN A 103 -1.44 34.30 -21.78
C ASN A 103 -1.99 35.37 -20.84
N LEU A 104 -3.25 35.75 -21.08
CA LEU A 104 -3.97 36.71 -20.24
C LEU A 104 -5.33 36.13 -19.88
N LYS A 105 -5.33 34.93 -19.33
CA LYS A 105 -6.57 34.22 -19.04
C LYS A 105 -7.37 34.94 -17.96
N THR A 106 -8.64 34.56 -17.82
CA THR A 106 -9.48 35.14 -16.79
C THR A 106 -8.89 34.90 -15.41
N ALA A 107 -8.89 35.94 -14.57
CA ALA A 107 -8.38 35.80 -13.21
C ALA A 107 -8.94 34.56 -12.51
N ALA A 108 -10.19 34.19 -12.81
CA ALA A 108 -10.72 32.90 -12.37
C ALA A 108 -9.84 31.77 -12.88
N ASP A 109 -9.45 31.79 -14.15
CA ASP A 109 -8.50 30.81 -14.66
C ASP A 109 -7.22 30.75 -13.83
N ARG A 110 -6.89 31.84 -13.12
CA ARG A 110 -5.71 31.85 -12.23
C ARG A 110 -6.02 31.27 -10.86
N GLN A 111 -7.22 31.53 -10.32
CA GLN A 111 -7.61 30.90 -9.07
C GLN A 111 -7.68 29.38 -9.22
N ALA A 112 -8.17 28.90 -10.36
CA ALA A 112 -8.23 27.46 -10.58
C ALA A 112 -6.83 26.86 -10.66
N GLU A 113 -5.96 27.46 -11.46
CA GLU A 113 -4.55 27.07 -11.45
C GLU A 113 -4.00 27.03 -10.03
N ASP A 114 -4.34 28.05 -9.22
CA ASP A 114 -3.93 28.05 -7.82
C ASP A 114 -4.43 26.80 -7.10
N GLN A 115 -5.70 26.45 -7.30
CA GLN A 115 -6.25 25.27 -6.62
C GLN A 115 -5.62 23.97 -7.12
N VAL A 116 -5.16 23.93 -8.37
CA VAL A 116 -4.43 22.75 -8.86
C VAL A 116 -3.09 22.60 -8.15
N LEU A 117 -2.44 23.71 -7.80
CA LEU A 117 -1.11 23.62 -7.19
C LEU A 117 -1.19 23.18 -5.74
N ARG A 118 -2.12 23.74 -4.97
CA ARG A 118 -2.29 23.30 -3.59
C ARG A 118 -2.52 21.79 -3.52
N LYS A 119 -3.19 21.22 -4.52
CA LYS A 119 -3.39 19.77 -4.54
C LYS A 119 -2.10 19.04 -4.89
N LEU A 120 -1.32 19.56 -5.85
CA LEU A 120 -0.07 18.89 -6.20
C LEU A 120 0.87 18.79 -5.00
N VAL A 121 0.96 19.86 -4.19
CA VAL A 121 1.74 19.81 -2.95
C VAL A 121 1.16 18.79 -1.98
N ASP A 122 -0.17 18.70 -1.92
CA ASP A 122 -0.79 17.69 -1.07
C ASP A 122 -0.29 16.29 -1.42
N LEU A 123 0.09 16.05 -2.68
CA LEU A 123 0.57 14.74 -3.08
C LEU A 123 2.03 14.54 -2.68
N VAL A 124 2.85 15.59 -2.79
CA VAL A 124 4.25 15.49 -2.41
C VAL A 124 4.36 15.17 -0.92
N ASN A 125 3.54 15.82 -0.10
CA ASN A 125 3.45 15.43 1.30
C ASN A 125 3.12 13.95 1.41
N GLN A 126 2.13 13.50 0.64
CA GLN A 126 1.77 12.09 0.64
C GLN A 126 2.97 11.23 0.26
N ARG A 127 3.57 11.51 -0.91
CA ARG A 127 4.76 10.77 -1.28
C ARG A 127 5.90 11.00 -0.30
N ASP A 128 5.89 12.12 0.41
CA ASP A 128 6.88 12.31 1.46
C ASP A 128 6.56 11.48 2.71
N ALA A 129 5.34 10.98 2.83
CA ALA A 129 5.01 10.08 3.94
C ALA A 129 5.25 8.63 3.57
N LEU A 130 4.62 8.17 2.48
CA LEU A 130 4.79 6.79 2.05
C LEU A 130 6.26 6.42 1.97
N ILE A 131 7.11 7.36 1.54
CA ILE A 131 8.54 7.07 1.47
C ILE A 131 9.09 6.84 2.86
N ARG A 132 8.67 7.67 3.83
CA ARG A 132 9.17 7.45 5.17
C ARG A 132 8.48 6.28 5.85
N PHE A 133 7.30 5.87 5.37
CA PHE A 133 6.75 4.58 5.78
C PHE A 133 7.67 3.44 5.32
N GLN A 134 7.99 3.40 4.03
CA GLN A 134 8.97 2.45 3.53
C GLN A 134 10.26 2.53 4.34
N GLU A 135 10.77 3.75 4.54
CA GLU A 135 12.04 3.90 5.25
C GLU A 135 11.91 3.51 6.72
N GLU A 136 10.90 4.04 7.40
CA GLU A 136 10.71 3.71 8.81
C GLU A 136 10.37 2.26 9.02
N ARG A 137 9.86 1.57 7.99
CA ARG A 137 9.56 0.14 8.10
C ARG A 137 10.81 -0.71 7.91
N ARG A 138 11.66 -0.38 6.93
CA ARG A 138 12.92 -1.10 6.80
C ARG A 138 13.84 -0.84 7.97
N LEU A 139 13.63 0.25 8.72
CA LEU A 139 14.52 0.58 9.82
C LEU A 139 14.21 -0.27 11.05
N SER A 140 12.94 -0.53 11.33
CA SER A 140 12.61 -1.38 12.47
C SER A 140 13.08 -2.81 12.26
N GLU A 141 13.36 -3.21 11.01
CA GLU A 141 13.90 -4.53 10.76
C GLU A 141 15.30 -4.69 11.33
N LEU A 142 16.02 -3.59 11.50
CA LEU A 142 17.38 -3.64 12.00
C LEU A 142 17.35 -3.55 13.53
#